data_3P41
#
_entry.id   3P41
#
_cell.length_a   48.362
_cell.length_b   48.362
_cell.length_c   208.592
_cell.angle_alpha   90.00
_cell.angle_beta   90.00
_cell.angle_gamma   120.00
#
_symmetry.space_group_name_H-M   'P 31 2 1'
#
loop_
_entity.id
_entity.type
_entity.pdbx_description
1 polymer Geranyltranstransferase
2 non-polymer 'MAGNESIUM ION'
3 non-polymer 'DIMETHYLALLYL DIPHOSPHATE'
4 non-polymer 'PYROPHOSPHATE 2-'
5 non-polymer GLYCEROL
6 non-polymer 'CHLORIDE ION'
7 water water
#
_entity_poly.entity_id   1
_entity_poly.type   'polypeptide(L)'
_entity_poly.pdbx_seq_one_letter_code
;(MSE)AHHHHHHSLTAYQASSQARVDAA(MSE)HTLFTAPSPELARLYEA(MSE)RYSV(MSE)NGGKRVRPLLAYAACE
ALGGKPEQANGAACAVELIHAYSLVHDDLPA(MSE)DDDDLRRGQPTTHKAFDEA(SCY)AILAGDGLQSLAFSALLDPA
LSDASAEIRLR(MSE)VTTLAQAAGPAG(MSE)VGGQAIDLGSVGLKLDQQALEY(MSE)HRHKTGALIEASVILGALAS
GRAEKGELKALQTYAQAIGLAFQVQDDILDVESDTATLGKRQGADIARDKPTYPALLGLAAAKEYALELRDQALHALRPF
DAAAEPLRELARYIVERRS
;
_entity_poly.pdbx_strand_id   A
#
# COMPACT_ATOMS: atom_id res chain seq x y z
N HIS A 6 3.98 -8.52 21.53
CA HIS A 6 2.51 -8.43 21.82
C HIS A 6 1.90 -7.11 21.30
N HIS A 7 0.99 -7.23 20.32
CA HIS A 7 0.42 -6.08 19.61
C HIS A 7 -1.10 -6.24 19.43
N HIS A 8 -1.83 -6.31 20.53
CA HIS A 8 -3.21 -6.78 20.51
C HIS A 8 -4.18 -5.88 19.73
N SER A 9 -4.14 -4.59 19.99
CA SER A 9 -5.08 -3.68 19.34
C SER A 9 -4.82 -3.60 17.84
N LEU A 10 -3.55 -3.73 17.44
CA LEU A 10 -3.18 -3.69 16.02
C LEU A 10 -3.70 -4.92 15.29
N THR A 11 -3.63 -6.07 15.97
CA THR A 11 -4.17 -7.28 15.41
C THR A 11 -5.68 -7.11 15.18
N ALA A 12 -6.36 -6.54 16.16
CA ALA A 12 -7.80 -6.30 16.03
C ALA A 12 -8.06 -5.27 14.94
N TYR A 13 -7.22 -4.24 14.86
CA TYR A 13 -7.41 -3.19 13.84
C TYR A 13 -7.22 -3.75 12.41
N GLN A 14 -6.19 -4.58 12.25
CA GLN A 14 -5.92 -5.25 10.98
C GLN A 14 -7.13 -6.09 10.58
N ALA A 15 -7.72 -6.76 11.58
CA ALA A 15 -8.81 -7.68 11.32
C ALA A 15 -10.02 -6.89 10.82
N SER A 16 -10.34 -5.80 11.52
CA SER A 16 -11.48 -4.95 11.12
C SER A 16 -11.19 -4.28 9.78
N SER A 17 -9.96 -3.81 9.61
CA SER A 17 -9.56 -3.23 8.30
C SER A 17 -9.77 -4.23 7.14
N GLN A 18 -9.26 -5.46 7.30
CA GLN A 18 -9.33 -6.43 6.22
C GLN A 18 -10.80 -6.80 5.93
N ALA A 19 -11.59 -6.93 6.99
CA ALA A 19 -13.03 -7.32 6.80
C ALA A 19 -13.76 -6.23 6.01
N ARG A 20 -13.49 -4.99 6.36
CA ARG A 20 -14.24 -3.87 5.78
C ARG A 20 -13.87 -3.72 4.30
N VAL A 21 -12.57 -3.74 4.00
CA VAL A 21 -12.19 -3.57 2.58
C VAL A 21 -12.57 -4.79 1.77
N ASP A 22 -12.43 -5.98 2.36
CA ASP A 22 -12.87 -7.20 1.64
C ASP A 22 -14.37 -7.16 1.27
N ALA A 23 -15.22 -6.74 2.22
CA ALA A 23 -16.65 -6.61 1.93
C ALA A 23 -16.92 -5.50 0.90
N ALA A 24 -16.26 -4.36 1.07
CA ALA A 24 -16.34 -3.30 0.06
C ALA A 24 -15.96 -3.79 -1.36
N HIS A 26 -16.02 -6.81 -2.61
CA HIS A 26 -16.91 -7.86 -3.12
CA HIS A 26 -16.92 -7.85 -3.11
C HIS A 26 -17.82 -7.31 -4.22
N THR A 27 -18.36 -6.13 -3.99
CA THR A 27 -19.31 -5.48 -4.90
CA THR A 27 -19.30 -5.51 -4.91
C THR A 27 -18.68 -5.17 -6.27
N LEU A 28 -17.35 -5.16 -6.34
CA LEU A 28 -16.66 -4.82 -7.58
C LEU A 28 -16.45 -5.98 -8.57
N PHE A 29 -16.58 -7.22 -8.11
CA PHE A 29 -15.98 -8.33 -8.84
C PHE A 29 -16.99 -9.28 -9.45
N THR A 30 -18.21 -8.79 -9.62
CA THR A 30 -19.20 -9.59 -10.32
C THR A 30 -19.22 -9.21 -11.78
N ALA A 31 -18.89 -10.16 -12.63
CA ALA A 31 -18.86 -9.95 -14.06
C ALA A 31 -20.26 -9.56 -14.53
N PRO A 32 -20.33 -8.59 -15.44
CA PRO A 32 -21.63 -8.21 -16.00
C PRO A 32 -22.25 -9.23 -16.95
N SER A 33 -21.48 -10.21 -17.39
CA SER A 33 -22.00 -11.21 -18.30
C SER A 33 -21.13 -12.44 -18.21
N PRO A 34 -21.65 -13.57 -18.72
CA PRO A 34 -20.94 -14.85 -18.75
C PRO A 34 -19.62 -14.77 -19.49
N GLU A 35 -19.55 -13.95 -20.54
CA GLU A 35 -18.35 -13.96 -21.39
C GLU A 35 -17.21 -13.31 -20.60
N LEU A 36 -17.60 -12.53 -19.61
CA LEU A 36 -16.62 -11.78 -18.82
C LEU A 36 -16.22 -12.49 -17.52
N ALA A 37 -16.87 -13.61 -17.24
CA ALA A 37 -16.70 -14.30 -15.95
C ALA A 37 -15.25 -14.63 -15.62
N ARG A 38 -14.50 -15.20 -16.58
CA ARG A 38 -13.13 -15.62 -16.33
CA ARG A 38 -13.11 -15.63 -16.36
C ARG A 38 -12.19 -14.48 -16.00
N LEU A 39 -12.36 -13.35 -16.68
CA LEU A 39 -11.56 -12.16 -16.37
C LEU A 39 -11.84 -11.72 -14.94
N TYR A 40 -13.12 -11.62 -14.57
CA TYR A 40 -13.45 -11.20 -13.22
C TYR A 40 -12.93 -12.23 -12.20
N GLU A 41 -13.01 -13.51 -12.56
CA GLU A 41 -12.46 -14.53 -11.67
C GLU A 41 -10.96 -14.32 -11.49
N ALA A 42 -10.26 -14.05 -12.60
CA ALA A 42 -8.81 -13.81 -12.53
C ALA A 42 -8.49 -12.62 -11.65
N ARG A 44 -10.36 -11.47 -9.18
CA ARG A 44 -10.69 -11.90 -7.82
C ARG A 44 -9.53 -12.71 -7.24
N TYR A 45 -9.03 -13.67 -8.05
CA TYR A 45 -7.96 -14.56 -7.66
C TYR A 45 -6.76 -13.72 -7.24
N SER A 46 -6.45 -12.71 -8.05
CA SER A 46 -5.33 -11.81 -7.82
C SER A 46 -5.45 -10.98 -6.56
N VAL A 47 -6.68 -10.64 -6.17
CA VAL A 47 -6.90 -9.92 -4.93
C VAL A 47 -6.90 -10.87 -3.70
N ASN A 49 -4.96 -12.83 -2.52
CA ASN A 49 -3.55 -13.17 -2.66
C ASN A 49 -2.89 -13.52 -1.33
N GLY A 50 -3.64 -13.38 -0.24
CA GLY A 50 -3.16 -13.72 1.09
C GLY A 50 -2.56 -12.55 1.87
N GLY A 51 -2.65 -11.34 1.31
CA GLY A 51 -2.07 -10.16 1.96
C GLY A 51 -2.81 -9.67 3.20
N LYS A 52 -2.17 -8.81 3.98
CA LYS A 52 -2.78 -8.32 5.21
C LYS A 52 -3.56 -7.02 5.03
N ARG A 53 -3.77 -6.58 3.78
CA ARG A 53 -4.46 -5.32 3.47
C ARG A 53 -3.90 -4.13 4.23
N VAL A 54 -2.58 -4.02 4.29
CA VAL A 54 -1.98 -2.97 5.10
C VAL A 54 -2.25 -1.60 4.49
N ARG A 55 -2.48 -1.55 3.18
CA ARG A 55 -2.67 -0.24 2.57
C ARG A 55 -4.06 0.33 2.91
N PRO A 56 -5.09 -0.52 2.81
CA PRO A 56 -6.41 -0.22 3.37
C PRO A 56 -6.33 0.13 4.85
N LEU A 57 -5.61 -0.69 5.62
CA LEU A 57 -5.38 -0.34 7.02
C LEU A 57 -4.99 1.11 7.12
N LEU A 58 -3.93 1.49 6.40
CA LEU A 58 -3.43 2.87 6.38
C LEU A 58 -4.48 3.93 6.01
N ALA A 59 -5.29 3.69 4.95
CA ALA A 59 -6.36 4.53 4.51
C ALA A 59 -7.34 4.76 5.65
N TYR A 60 -7.81 3.66 6.26
CA TYR A 60 -8.81 3.74 7.31
C TYR A 60 -8.21 4.46 8.55
N ALA A 61 -7.00 4.08 8.90
CA ALA A 61 -6.40 4.72 10.08
C ALA A 61 -6.20 6.21 9.89
N ALA A 62 -5.71 6.64 8.72
CA ALA A 62 -5.57 8.06 8.48
C ALA A 62 -6.93 8.78 8.52
N CYS A 63 -7.94 8.21 7.88
CA CYS A 63 -9.29 8.75 7.98
C CYS A 63 -9.71 8.97 9.45
N GLU A 64 -9.60 7.94 10.28
CA GLU A 64 -10.06 8.02 11.67
C GLU A 64 -9.18 8.94 12.52
N ALA A 65 -7.91 9.09 12.11
CA ALA A 65 -6.97 9.99 12.84
C ALA A 65 -7.45 11.42 12.72
N LEU A 66 -8.14 11.71 11.62
CA LEU A 66 -8.63 13.05 11.36
C LEU A 66 -10.10 13.19 11.77
N GLY A 67 -10.72 12.09 12.19
CA GLY A 67 -12.05 12.18 12.75
C GLY A 67 -13.12 11.62 11.86
N GLY A 68 -12.76 11.06 10.71
CA GLY A 68 -13.77 10.48 9.78
C GLY A 68 -14.25 9.12 10.27
N LYS A 69 -15.43 8.68 9.81
CA LYS A 69 -15.88 7.32 9.99
C LYS A 69 -15.04 6.54 8.99
N PRO A 70 -14.60 5.32 9.39
CA PRO A 70 -13.68 4.59 8.53
C PRO A 70 -14.30 4.29 7.17
N GLU A 71 -15.59 4.01 7.16
CA GLU A 71 -16.23 3.69 5.87
C GLU A 71 -16.14 4.83 4.84
N GLN A 72 -15.95 6.07 5.30
CA GLN A 72 -15.77 7.21 4.40
C GLN A 72 -14.57 6.97 3.46
N ALA A 73 -13.63 6.17 3.95
CA ALA A 73 -12.42 5.82 3.21
C ALA A 73 -12.51 4.50 2.44
N ASN A 74 -13.70 3.93 2.35
CA ASN A 74 -13.81 2.67 1.59
C ASN A 74 -13.30 2.81 0.15
N GLY A 75 -13.61 3.92 -0.51
CA GLY A 75 -13.15 4.20 -1.89
C GLY A 75 -11.63 4.23 -1.94
N ALA A 76 -11.03 4.99 -1.02
CA ALA A 76 -9.57 5.00 -0.92
C ALA A 76 -8.94 3.64 -0.70
N ALA A 77 -9.45 2.90 0.30
CA ALA A 77 -8.94 1.57 0.66
C ALA A 77 -9.02 0.58 -0.48
N CYS A 78 -10.19 0.50 -1.12
CA CYS A 78 -10.29 -0.35 -2.30
C CYS A 78 -9.28 0.03 -3.40
N ALA A 79 -9.19 1.33 -3.68
CA ALA A 79 -8.36 1.80 -4.78
C ALA A 79 -6.91 1.45 -4.51
N VAL A 80 -6.35 1.77 -3.33
CA VAL A 80 -4.99 1.36 -3.09
C VAL A 80 -4.72 -0.15 -3.06
N GLU A 81 -5.65 -0.96 -2.55
CA GLU A 81 -5.48 -2.39 -2.61
C GLU A 81 -5.56 -2.95 -4.04
N LEU A 82 -6.39 -2.34 -4.88
CA LEU A 82 -6.51 -2.83 -6.24
C LEU A 82 -5.24 -2.49 -7.04
N ILE A 83 -4.74 -1.26 -6.89
CA ILE A 83 -3.40 -0.88 -7.40
C ILE A 83 -2.32 -1.84 -6.91
N HIS A 84 -2.29 -2.11 -5.61
CA HIS A 84 -1.32 -3.07 -5.08
C HIS A 84 -1.47 -4.46 -5.71
N ALA A 85 -2.71 -4.95 -5.80
CA ALA A 85 -2.99 -6.24 -6.45
C ALA A 85 -2.46 -6.29 -7.89
N TYR A 86 -2.78 -5.27 -8.66
CA TYR A 86 -2.44 -5.31 -10.08
C TYR A 86 -0.92 -5.29 -10.21
N SER A 87 -0.23 -4.50 -9.35
CA SER A 87 1.23 -4.48 -9.41
C SER A 87 1.91 -5.85 -9.21
N LEU A 88 1.38 -6.67 -8.30
CA LEU A 88 1.91 -7.96 -7.98
C LEU A 88 1.67 -8.94 -9.13
N VAL A 89 0.47 -8.89 -9.72
CA VAL A 89 0.25 -9.75 -10.87
C VAL A 89 1.18 -9.57 -12.04
N HIS A 90 1.36 -8.33 -12.49
CA HIS A 90 2.36 -8.08 -13.49
C HIS A 90 3.79 -8.36 -13.01
N ASP A 91 4.08 -8.04 -11.76
CA ASP A 91 5.45 -8.27 -11.22
C ASP A 91 5.86 -9.76 -11.29
N ASP A 92 4.92 -10.64 -11.00
CA ASP A 92 5.13 -12.08 -11.08
C ASP A 92 5.35 -12.63 -12.51
N LEU A 93 4.97 -11.85 -13.52
CA LEU A 93 4.99 -12.41 -14.91
C LEU A 93 6.36 -12.91 -15.33
N PRO A 94 6.39 -13.89 -16.22
CA PRO A 94 7.64 -14.47 -16.71
C PRO A 94 8.67 -13.43 -17.21
N ALA A 95 8.21 -12.37 -17.88
CA ALA A 95 9.10 -11.32 -18.40
C ALA A 95 9.66 -10.44 -17.28
N ASP A 97 9.48 -10.89 -12.95
CA ASP A 97 10.16 -11.72 -11.94
C ASP A 97 10.01 -13.22 -12.20
N ASP A 98 9.09 -13.61 -13.07
CA ASP A 98 8.93 -15.04 -13.40
C ASP A 98 8.77 -15.91 -12.13
N ASP A 99 7.82 -15.55 -11.29
CA ASP A 99 7.50 -16.31 -10.10
C ASP A 99 6.25 -17.17 -10.32
N ASP A 100 6.37 -18.42 -9.87
CA ASP A 100 5.28 -19.40 -9.93
C ASP A 100 4.43 -19.38 -8.66
N LEU A 101 4.96 -18.86 -7.56
CA LEU A 101 4.25 -18.84 -6.32
C LEU A 101 4.30 -17.46 -5.72
N ARG A 102 3.25 -17.11 -4.99
CA ARG A 102 3.24 -15.92 -4.14
C ARG A 102 2.57 -16.28 -2.81
N ARG A 103 3.26 -16.10 -1.69
CA ARG A 103 2.70 -16.39 -0.40
CA ARG A 103 2.75 -16.37 -0.38
C ARG A 103 2.16 -17.80 -0.36
N GLY A 104 2.87 -18.72 -0.96
CA GLY A 104 2.45 -20.11 -0.94
C GLY A 104 1.53 -20.56 -2.06
N GLN A 105 0.84 -19.63 -2.72
CA GLN A 105 -0.11 -20.06 -3.77
C GLN A 105 0.39 -19.80 -5.17
N PRO A 106 -0.12 -20.56 -6.15
CA PRO A 106 0.24 -20.27 -7.52
C PRO A 106 -0.07 -18.80 -7.87
N THR A 107 0.80 -18.20 -8.67
CA THR A 107 0.59 -16.82 -9.08
C THR A 107 -0.47 -16.86 -10.18
N THR A 108 -1.00 -15.68 -10.53
CA THR A 108 -2.18 -15.60 -11.41
C THR A 108 -1.92 -16.18 -12.80
N HIS A 109 -0.72 -15.91 -13.33
CA HIS A 109 -0.35 -16.44 -14.62
C HIS A 109 -0.14 -17.95 -14.54
N LYS A 110 0.07 -18.49 -13.35
CA LYS A 110 0.13 -19.95 -13.19
C LYS A 110 -1.25 -20.56 -13.06
N ALA A 111 -2.15 -19.92 -12.31
CA ALA A 111 -3.51 -20.48 -12.13
C ALA A 111 -4.34 -20.31 -13.39
N PHE A 112 -4.08 -19.24 -14.12
CA PHE A 112 -4.81 -18.95 -15.36
C PHE A 112 -3.88 -19.17 -16.57
N ASP A 113 -3.41 -18.09 -17.18
CA ASP A 113 -2.31 -18.16 -18.14
C ASP A 113 -1.76 -16.75 -18.26
N GLU A 114 -0.71 -16.55 -19.03
CA GLU A 114 -0.05 -15.24 -19.08
C GLU A 114 -0.95 -14.12 -19.61
N ALA A 115 -1.69 -14.41 -20.68
CA ALA A 115 -2.54 -13.42 -21.31
C ALA A 115 -3.65 -12.98 -20.38
N ALA A 117 -3.45 -13.22 -17.16
CA ALA A 117 -2.90 -12.41 -16.04
C ALA A 117 -2.56 -10.96 -16.43
N ILE A 118 -1.99 -10.77 -17.62
CA ILE A 118 -1.77 -9.39 -18.11
C ILE A 118 -3.01 -8.53 -18.03
N LEU A 119 -4.10 -8.98 -18.65
CA LEU A 119 -5.36 -8.31 -18.58
C LEU A 119 -5.99 -8.15 -17.21
N ALA A 120 -5.85 -9.15 -16.35
CA ALA A 120 -6.39 -9.06 -15.02
C ALA A 120 -5.74 -7.87 -14.33
N GLY A 121 -4.43 -7.71 -14.52
CA GLY A 121 -3.68 -6.57 -13.94
C GLY A 121 -4.16 -5.27 -14.56
N ASP A 122 -4.32 -5.26 -15.88
CA ASP A 122 -4.84 -4.09 -16.57
C ASP A 122 -6.24 -3.67 -16.07
N GLY A 123 -7.07 -4.67 -15.79
CA GLY A 123 -8.48 -4.49 -15.42
C GLY A 123 -8.53 -3.95 -14.02
N LEU A 124 -7.61 -4.46 -13.21
CA LEU A 124 -7.55 -4.06 -11.83
C LEU A 124 -7.12 -2.60 -11.66
N GLN A 125 -6.18 -2.13 -12.50
CA GLN A 125 -5.78 -0.71 -12.45
C GLN A 125 -6.96 0.19 -12.78
N SER A 126 -7.76 -0.16 -13.78
CA SER A 126 -8.90 0.61 -14.06
C SER A 126 -9.95 0.64 -12.96
N LEU A 127 -10.25 -0.53 -12.42
CA LEU A 127 -11.25 -0.66 -11.36
C LEU A 127 -10.83 0.15 -10.16
N ALA A 128 -9.52 0.28 -9.96
CA ALA A 128 -9.04 1.06 -8.80
C ALA A 128 -9.56 2.49 -8.92
N PHE A 129 -9.50 3.05 -10.14
CA PHE A 129 -10.01 4.39 -10.34
C PHE A 129 -11.55 4.42 -10.24
N SER A 130 -12.23 3.44 -10.82
CA SER A 130 -13.68 3.37 -10.60
C SER A 130 -14.04 3.36 -9.09
N ALA A 131 -13.39 2.50 -8.34
CA ALA A 131 -13.68 2.38 -6.91
C ALA A 131 -13.57 3.72 -6.19
N LEU A 132 -12.58 4.52 -6.58
CA LEU A 132 -12.27 5.77 -5.89
C LEU A 132 -13.40 6.77 -6.07
N LEU A 133 -14.15 6.60 -7.15
CA LEU A 133 -15.19 7.54 -7.51
C LEU A 133 -16.58 6.97 -7.31
N ASP A 134 -16.67 5.75 -6.81
CA ASP A 134 -17.95 5.05 -6.67
C ASP A 134 -18.71 5.68 -5.50
N PRO A 135 -19.93 6.14 -5.77
CA PRO A 135 -20.67 6.80 -4.68
C PRO A 135 -21.10 5.85 -3.56
N ALA A 136 -21.10 4.54 -3.78
CA ALA A 136 -21.39 3.60 -2.72
C ALA A 136 -20.21 3.46 -1.72
N LEU A 137 -19.07 4.07 -2.05
CA LEU A 137 -17.80 3.77 -1.34
C LEU A 137 -17.21 5.00 -0.65
N SER A 138 -17.72 6.16 -1.02
CA SER A 138 -17.32 7.42 -0.42
C SER A 138 -18.53 8.38 -0.44
N ASP A 139 -18.52 9.41 0.41
CA ASP A 139 -19.45 10.53 0.24
C ASP A 139 -18.69 11.81 -0.07
N ALA A 140 -17.37 11.71 -0.26
CA ALA A 140 -16.54 12.92 -0.44
C ALA A 140 -17.02 13.92 -1.51
N SER A 141 -16.64 15.18 -1.28
N SER A 141 -16.63 15.17 -1.45
CA SER A 141 -17.02 16.36 -2.06
CA SER A 141 -17.01 16.06 -2.56
C SER A 141 -16.14 16.48 -3.29
C SER A 141 -16.52 15.50 -3.92
N ALA A 142 -16.59 17.28 -4.26
N ALA A 142 -17.17 15.92 -5.02
CA ALA A 142 -16.01 17.30 -5.61
CA ALA A 142 -16.63 15.66 -6.35
C ALA A 142 -14.50 17.54 -5.68
C ALA A 142 -15.17 16.14 -6.37
N GLU A 143 -14.04 18.62 -5.05
N GLU A 143 -14.97 17.32 -5.81
CA GLU A 143 -12.60 18.99 -5.10
CA GLU A 143 -13.64 17.91 -5.66
C GLU A 143 -11.70 18.05 -4.29
C GLU A 143 -12.70 16.90 -5.01
N ILE A 144 -12.19 17.55 -3.16
N ILE A 144 -13.13 16.38 -3.86
CA ILE A 144 -11.44 16.57 -2.36
CA ILE A 144 -12.36 15.37 -3.11
C ILE A 144 -11.16 15.34 -3.21
C ILE A 144 -12.00 14.17 -3.96
N ARG A 145 -12.17 14.89 -3.94
N ARG A 145 -12.96 13.69 -4.73
CA ARG A 145 -12.07 13.69 -4.76
CA ARG A 145 -12.75 12.51 -5.56
C ARG A 145 -11.22 13.91 -6.00
C ARG A 145 -11.71 12.77 -6.65
N LEU A 146 -11.10 15.15 -6.44
N LEU A 146 -11.83 13.92 -7.30
CA LEU A 146 -10.15 15.51 -7.49
CA LEU A 146 -10.95 14.31 -8.37
C LEU A 146 -8.73 15.37 -6.93
C LEU A 146 -9.50 14.37 -7.88
N ARG A 147 -8.53 15.93 -5.75
N ARG A 147 -9.28 14.87 -6.68
CA ARG A 147 -7.27 15.77 -5.05
CA ARG A 147 -7.93 14.85 -6.11
C ARG A 147 -6.92 14.28 -4.95
C ARG A 147 -7.51 13.41 -5.75
N VAL A 149 -8.15 11.59 -6.67
N VAL A 149 -7.96 10.83 -7.25
CA VAL A 149 -7.87 10.89 -7.95
CA VAL A 149 -7.37 10.31 -8.45
C VAL A 149 -6.50 11.12 -8.59
C VAL A 149 -6.23 11.14 -9.00
N THR A 150 -6.14 12.42 -8.65
CA THR A 150 -4.88 13.02 -9.05
C THR A 150 -3.74 12.38 -8.28
N THR A 151 -3.92 12.32 -6.98
CA THR A 151 -2.92 11.70 -6.11
C THR A 151 -2.63 10.25 -6.44
N LEU A 152 -3.68 9.47 -6.64
CA LEU A 152 -3.54 8.05 -6.89
C LEU A 152 -2.83 7.86 -8.21
N ALA A 153 -3.20 8.63 -9.22
CA ALA A 153 -2.57 8.48 -10.52
C ALA A 153 -1.09 8.85 -10.42
N GLN A 154 -0.77 9.91 -9.69
CA GLN A 154 0.64 10.27 -9.56
C GLN A 154 1.44 9.14 -8.87
N ALA A 155 0.90 8.63 -7.77
CA ALA A 155 1.55 7.61 -6.94
C ALA A 155 1.74 6.26 -7.66
N ALA A 156 0.75 5.87 -8.47
CA ALA A 156 0.82 4.60 -9.16
C ALA A 156 1.57 4.58 -10.50
N GLY A 157 1.67 5.76 -11.12
CA GLY A 157 2.12 5.89 -12.53
C GLY A 157 3.62 5.89 -12.70
N PRO A 158 4.09 6.37 -13.87
CA PRO A 158 5.52 6.28 -14.17
C PRO A 158 6.46 7.17 -13.32
N ALA A 159 5.92 8.11 -12.57
CA ALA A 159 6.75 8.93 -11.67
C ALA A 159 6.59 8.39 -10.27
N GLY A 160 5.91 7.26 -10.16
CA GLY A 160 5.65 6.62 -8.86
C GLY A 160 5.97 5.15 -8.91
N VAL A 162 5.07 2.52 -10.87
CA VAL A 162 5.58 2.00 -12.15
C VAL A 162 7.02 2.49 -12.41
N GLY A 163 7.30 3.71 -12.03
CA GLY A 163 8.65 4.20 -12.21
C GLY A 163 9.57 3.32 -11.39
N GLY A 164 9.12 3.00 -10.17
CA GLY A 164 9.93 2.19 -9.22
C GLY A 164 10.29 0.81 -9.74
N GLN A 165 9.33 0.19 -10.43
CA GLN A 165 9.50 -1.06 -11.12
C GLN A 165 10.50 -0.94 -12.25
N ALA A 166 10.47 0.19 -12.93
CA ALA A 166 11.36 0.43 -14.04
C ALA A 166 12.77 0.64 -13.48
N ILE A 167 12.86 1.37 -12.38
CA ILE A 167 14.19 1.58 -11.76
C ILE A 167 14.76 0.23 -11.35
N ASP A 168 13.91 -0.62 -10.76
CA ASP A 168 14.28 -1.99 -10.40
C ASP A 168 14.87 -2.73 -11.59
N LEU A 169 14.14 -2.83 -12.70
CA LEU A 169 14.67 -3.48 -13.92
C LEU A 169 16.03 -2.94 -14.35
N GLY A 170 16.12 -1.61 -14.40
CA GLY A 170 17.32 -0.95 -14.92
C GLY A 170 18.47 -0.95 -13.91
N SER A 171 18.20 -1.46 -12.72
CA SER A 171 19.24 -1.55 -11.70
C SER A 171 19.83 -2.96 -11.66
N VAL A 172 19.32 -3.84 -12.48
CA VAL A 172 19.85 -5.15 -12.50
C VAL A 172 21.29 -5.00 -13.00
N GLY A 173 22.22 -5.55 -12.26
CA GLY A 173 23.60 -5.35 -12.62
C GLY A 173 24.14 -4.29 -11.70
N LEU A 174 23.90 -3.04 -12.09
CA LEU A 174 24.45 -1.86 -11.46
C LEU A 174 24.67 -2.02 -9.98
N LYS A 175 25.66 -1.28 -9.49
CA LYS A 175 26.01 -1.30 -8.09
C LYS A 175 25.46 -0.09 -7.40
N LEU A 176 24.41 -0.27 -6.63
CA LEU A 176 23.73 0.86 -6.00
C LEU A 176 24.33 1.26 -4.67
N ASP A 177 24.40 2.57 -4.44
CA ASP A 177 24.64 3.10 -3.11
C ASP A 177 23.30 3.32 -2.40
N GLN A 178 23.39 3.78 -1.16
CA GLN A 178 22.20 3.92 -0.33
C GLN A 178 21.23 4.93 -0.89
N GLN A 179 21.76 6.06 -1.36
CA GLN A 179 20.92 7.09 -1.92
C GLN A 179 20.12 6.54 -3.12
N ALA A 180 20.73 5.68 -3.92
CA ALA A 180 20.06 5.10 -5.10
C ALA A 180 19.06 4.01 -4.70
N LEU A 181 19.42 3.28 -3.65
CA LEU A 181 18.57 2.22 -3.15
C LEU A 181 17.29 2.85 -2.58
N GLU A 182 17.44 3.97 -1.86
CA GLU A 182 16.30 4.64 -1.24
C GLU A 182 15.41 5.31 -2.29
N TYR A 183 16.04 5.85 -3.32
CA TYR A 183 15.30 6.46 -4.41
C TYR A 183 14.39 5.38 -5.06
N HIS A 185 13.35 2.48 -3.71
CA HIS A 185 12.26 2.08 -2.80
C HIS A 185 11.15 3.13 -2.66
N ARG A 186 11.53 4.41 -2.57
CA ARG A 186 10.60 5.52 -2.45
CA ARG A 186 10.56 5.49 -2.43
C ARG A 186 9.55 5.45 -3.57
N HIS A 187 9.99 5.05 -4.75
CA HIS A 187 9.07 4.92 -5.92
C HIS A 187 8.28 3.60 -5.97
N LYS A 188 9.01 2.49 -5.87
CA LYS A 188 8.44 1.16 -5.92
C LYS A 188 7.37 0.88 -4.84
N THR A 189 7.65 1.25 -3.61
CA THR A 189 6.66 1.05 -2.54
C THR A 189 6.29 2.33 -1.76
N GLY A 190 7.22 3.29 -1.61
CA GLY A 190 6.90 4.50 -0.87
C GLY A 190 5.70 5.28 -1.39
N ALA A 191 5.62 5.41 -2.69
CA ALA A 191 4.65 6.31 -3.28
C ALA A 191 3.26 5.84 -2.88
N LEU A 192 2.99 4.55 -3.06
CA LEU A 192 1.63 4.02 -2.83
C LEU A 192 1.30 3.98 -1.34
N ILE A 193 2.30 3.78 -0.49
CA ILE A 193 2.09 3.90 0.94
C ILE A 193 1.66 5.32 1.34
N GLU A 194 2.36 6.34 0.82
CA GLU A 194 2.02 7.74 1.04
CA GLU A 194 2.00 7.72 1.07
C GLU A 194 0.60 7.98 0.51
N ALA A 195 0.33 7.44 -0.67
CA ALA A 195 -1.00 7.67 -1.22
C ALA A 195 -2.05 7.11 -0.26
N SER A 196 -1.80 5.91 0.27
CA SER A 196 -2.73 5.29 1.19
C SER A 196 -3.16 6.23 2.32
N VAL A 197 -2.18 6.78 3.05
CA VAL A 197 -2.49 7.69 4.13
CA VAL A 197 -2.47 7.70 4.13
C VAL A 197 -3.11 9.02 3.66
N ILE A 198 -2.70 9.54 2.48
CA ILE A 198 -3.19 10.83 2.04
C ILE A 198 -4.64 10.68 1.55
N LEU A 199 -4.89 9.60 0.83
CA LEU A 199 -6.27 9.33 0.39
C LEU A 199 -7.24 9.14 1.56
N GLY A 200 -6.86 8.31 2.54
CA GLY A 200 -7.63 8.13 3.78
C GLY A 200 -7.92 9.45 4.47
N ALA A 201 -6.89 10.27 4.66
CA ALA A 201 -7.04 11.58 5.30
C ALA A 201 -7.99 12.47 4.51
N LEU A 202 -7.82 12.48 3.21
CA LEU A 202 -8.65 13.31 2.38
C LEU A 202 -10.10 12.86 2.50
N ALA A 203 -10.27 11.55 2.56
CA ALA A 203 -11.60 10.93 2.62
C ALA A 203 -12.41 11.37 3.87
N SER A 204 -11.72 11.74 4.96
CA SER A 204 -12.43 12.22 6.13
C SER A 204 -13.22 13.53 5.92
N GLY A 205 -12.81 14.32 4.93
CA GLY A 205 -13.38 15.65 4.70
C GLY A 205 -12.86 16.71 5.64
N ARG A 206 -11.95 16.34 6.52
CA ARG A 206 -11.50 17.20 7.59
C ARG A 206 -10.02 17.53 7.47
N ALA A 207 -9.43 17.13 6.34
CA ALA A 207 -7.98 17.21 6.13
C ALA A 207 -7.49 18.63 5.92
N GLU A 208 -6.50 19.04 6.71
CA GLU A 208 -5.86 20.33 6.49
C GLU A 208 -4.44 20.14 5.99
N LYS A 209 -3.88 21.19 5.39
CA LYS A 209 -2.55 21.11 4.79
C LYS A 209 -1.51 20.61 5.79
N GLY A 210 -1.51 21.17 7.00
CA GLY A 210 -0.58 20.74 8.05
C GLY A 210 -0.71 19.25 8.38
N GLU A 211 -1.94 18.79 8.50
CA GLU A 211 -2.17 17.39 8.84
C GLU A 211 -1.71 16.45 7.72
N LEU A 212 -1.95 16.81 6.46
CA LEU A 212 -1.44 15.99 5.36
C LEU A 212 0.09 15.92 5.32
N LYS A 213 0.75 17.03 5.66
CA LYS A 213 2.21 17.08 5.66
C LYS A 213 2.76 16.07 6.65
N ALA A 214 2.21 16.11 7.85
CA ALA A 214 2.61 15.19 8.93
C ALA A 214 2.45 13.74 8.52
N LEU A 215 1.34 13.44 7.84
CA LEU A 215 1.01 12.08 7.49
C LEU A 215 1.89 11.58 6.35
N GLN A 216 2.19 12.47 5.42
CA GLN A 216 3.16 12.18 4.39
C GLN A 216 4.54 11.88 5.01
N THR A 217 4.97 12.72 5.95
CA THR A 217 6.21 12.40 6.67
C THR A 217 6.19 11.02 7.35
N TYR A 218 5.16 10.76 8.17
CA TYR A 218 4.95 9.43 8.72
C TYR A 218 5.05 8.36 7.63
N ALA A 219 4.33 8.56 6.53
CA ALA A 219 4.25 7.49 5.55
C ALA A 219 5.60 7.24 4.87
N GLN A 220 6.33 8.31 4.58
CA GLN A 220 7.64 8.14 3.98
C GLN A 220 8.53 7.34 4.92
N ALA A 221 8.48 7.69 6.20
CA ALA A 221 9.29 6.99 7.20
C ALA A 221 8.93 5.48 7.32
N ILE A 222 7.65 5.14 7.47
CA ILE A 222 7.32 3.72 7.58
C ILE A 222 7.60 2.94 6.31
N GLY A 223 7.47 3.61 5.15
CA GLY A 223 7.71 2.94 3.86
C GLY A 223 9.15 2.45 3.76
N LEU A 224 10.08 3.29 4.20
CA LEU A 224 11.51 2.95 4.23
C LEU A 224 11.84 1.96 5.36
N ALA A 225 11.27 2.19 6.53
CA ALA A 225 11.46 1.26 7.65
C ALA A 225 11.09 -0.15 7.23
N PHE A 226 9.95 -0.31 6.56
CA PHE A 226 9.59 -1.63 6.09
C PHE A 226 10.67 -2.32 5.23
N GLN A 227 11.27 -1.57 4.31
CA GLN A 227 12.24 -2.14 3.37
C GLN A 227 13.54 -2.45 4.09
N VAL A 228 13.94 -1.55 4.98
CA VAL A 228 15.13 -1.83 5.81
C VAL A 228 14.96 -3.10 6.66
N GLN A 229 13.87 -3.18 7.42
CA GLN A 229 13.57 -4.39 8.19
C GLN A 229 13.40 -5.65 7.31
N ASP A 230 12.80 -5.51 6.13
CA ASP A 230 12.72 -6.68 5.25
C ASP A 230 14.13 -7.27 5.03
N ASP A 231 15.07 -6.42 4.66
CA ASP A 231 16.46 -6.84 4.42
C ASP A 231 17.07 -7.44 5.68
N ILE A 232 16.82 -6.82 6.83
CA ILE A 232 17.35 -7.32 8.10
C ILE A 232 16.84 -8.73 8.37
N LEU A 233 15.57 -8.95 8.05
CA LEU A 233 14.96 -10.26 8.32
C LEU A 233 15.51 -11.34 7.39
N ASP A 234 15.79 -10.97 6.14
CA ASP A 234 16.43 -11.91 5.22
C ASP A 234 17.81 -12.32 5.72
N VAL A 235 18.58 -11.38 6.26
CA VAL A 235 19.89 -11.70 6.82
C VAL A 235 19.78 -12.60 8.06
N GLU A 236 18.90 -12.23 8.99
CA GLU A 236 18.74 -12.97 10.25
C GLU A 236 18.22 -14.38 10.05
N SER A 237 17.25 -14.53 9.15
CA SER A 237 16.80 -15.84 8.71
C SER A 237 17.92 -16.64 8.02
N ASP A 238 18.85 -15.93 7.38
CA ASP A 238 20.00 -16.55 6.71
C ASP A 238 20.99 -17.18 7.68
N THR A 239 21.37 -16.42 8.71
CA THR A 239 22.25 -16.92 9.75
C THR A 239 21.45 -17.75 10.78
N ALA A 240 20.22 -18.08 10.44
CA ALA A 240 19.42 -19.02 11.21
C ALA A 240 19.75 -20.43 10.74
N THR A 241 19.40 -20.72 9.49
CA THR A 241 19.67 -22.02 8.88
C THR A 241 20.39 -21.84 7.54
N PRO A 255 22.21 -5.72 -3.37
CA PRO A 255 21.96 -4.33 -2.97
C PRO A 255 20.98 -4.25 -1.80
N THR A 256 21.48 -4.30 -0.58
CA THR A 256 20.63 -4.32 0.60
C THR A 256 21.16 -3.40 1.69
N TYR A 257 20.30 -3.09 2.65
CA TYR A 257 20.66 -2.17 3.70
C TYR A 257 21.79 -2.72 4.57
N PRO A 258 21.66 -3.99 5.02
CA PRO A 258 22.73 -4.66 5.76
C PRO A 258 24.09 -4.69 5.05
N ALA A 259 24.08 -4.93 3.74
CA ALA A 259 25.33 -4.96 2.97
C ALA A 259 25.93 -3.57 2.92
N LEU A 260 25.09 -2.58 2.62
CA LEU A 260 25.57 -1.20 2.56
C LEU A 260 26.05 -0.66 3.91
N LEU A 261 25.39 -1.04 4.99
CA LEU A 261 25.61 -0.40 6.30
C LEU A 261 26.23 -1.32 7.35
N GLY A 262 26.12 -2.61 7.11
CA GLY A 262 26.38 -3.59 8.14
C GLY A 262 25.10 -3.80 8.91
N LEU A 263 24.92 -5.02 9.41
CA LEU A 263 23.69 -5.39 10.12
C LEU A 263 23.35 -4.49 11.31
N ALA A 264 24.33 -4.27 12.18
CA ALA A 264 24.14 -3.47 13.39
C ALA A 264 23.61 -2.09 13.04
N ALA A 265 24.25 -1.44 12.08
CA ALA A 265 23.84 -0.13 11.65
C ALA A 265 22.47 -0.17 10.94
N ALA A 266 22.17 -1.27 10.26
CA ALA A 266 20.88 -1.34 9.54
C ALA A 266 19.75 -1.36 10.56
N LYS A 267 19.96 -2.12 11.64
CA LYS A 267 18.94 -2.23 12.68
C LYS A 267 18.70 -0.89 13.32
N GLU A 268 19.77 -0.12 13.51
CA GLU A 268 19.57 1.18 14.12
C GLU A 268 18.84 2.10 13.17
N TYR A 269 19.20 2.03 11.90
CA TYR A 269 18.54 2.86 10.92
C TYR A 269 17.02 2.56 11.01
N ALA A 270 16.65 1.30 11.03
CA ALA A 270 15.22 0.96 11.07
C ALA A 270 14.51 1.57 12.29
N LEU A 271 15.19 1.55 13.45
CA LEU A 271 14.69 2.21 14.64
C LEU A 271 14.58 3.74 14.50
N GLU A 272 15.55 4.37 13.84
CA GLU A 272 15.51 5.81 13.66
C GLU A 272 14.32 6.20 12.77
N LEU A 273 14.04 5.36 11.78
CA LEU A 273 12.91 5.62 10.90
C LEU A 273 11.59 5.45 11.66
N ARG A 274 11.50 4.40 12.49
CA ARG A 274 10.29 4.22 13.28
C ARG A 274 10.09 5.44 14.15
N ASP A 275 11.18 5.94 14.74
CA ASP A 275 11.09 7.13 15.57
C ASP A 275 10.66 8.40 14.79
N GLN A 276 11.18 8.58 13.58
CA GLN A 276 10.76 9.69 12.73
C GLN A 276 9.27 9.57 12.42
N ALA A 277 8.80 8.34 12.21
CA ALA A 277 7.37 8.14 11.94
C ALA A 277 6.53 8.53 13.17
N LEU A 278 6.93 8.08 14.35
CA LEU A 278 6.17 8.41 15.53
C LEU A 278 6.22 9.91 15.83
N HIS A 279 7.36 10.54 15.57
CA HIS A 279 7.49 11.99 15.80
C HIS A 279 6.53 12.75 14.91
N ALA A 280 6.40 12.29 13.67
CA ALA A 280 5.49 12.94 12.74
C ALA A 280 4.06 12.96 13.27
N LEU A 281 3.70 11.96 14.07
CA LEU A 281 2.32 11.84 14.59
C LEU A 281 2.05 12.57 15.91
N ARG A 282 3.02 13.35 16.38
CA ARG A 282 2.86 14.08 17.63
C ARG A 282 1.65 15.01 17.66
N PRO A 283 1.37 15.67 16.54
CA PRO A 283 0.20 16.56 16.47
C PRO A 283 -1.15 15.87 16.68
N PHE A 284 -1.20 14.54 16.68
CA PHE A 284 -2.50 13.86 16.69
C PHE A 284 -2.83 13.26 18.05
N ASP A 285 -4.12 13.05 18.30
CA ASP A 285 -4.57 12.45 19.55
C ASP A 285 -4.62 10.92 19.51
N ALA A 286 -5.37 10.32 20.44
CA ALA A 286 -5.43 8.87 20.57
C ALA A 286 -5.99 8.20 19.32
N ALA A 287 -6.66 8.98 18.48
CA ALA A 287 -7.31 8.43 17.29
C ALA A 287 -6.24 7.93 16.29
N ALA A 288 -5.00 8.34 16.50
CA ALA A 288 -3.88 7.93 15.65
C ALA A 288 -3.11 6.72 16.15
N GLU A 289 -3.55 6.11 17.24
CA GLU A 289 -2.85 4.95 17.78
C GLU A 289 -2.60 3.77 16.83
N PRO A 290 -3.57 3.42 15.97
CA PRO A 290 -3.21 2.38 15.03
C PRO A 290 -2.02 2.70 14.12
N LEU A 291 -1.89 3.97 13.69
CA LEU A 291 -0.75 4.37 12.86
C LEU A 291 0.52 4.21 13.70
N ARG A 292 0.44 4.58 14.98
CA ARG A 292 1.62 4.44 15.86
C ARG A 292 2.02 2.99 16.09
N GLU A 293 1.02 2.14 16.37
CA GLU A 293 1.27 0.71 16.58
CA GLU A 293 1.29 0.72 16.58
C GLU A 293 1.81 0.02 15.33
N LEU A 294 1.37 0.44 14.14
CA LEU A 294 1.93 -0.14 12.91
C LEU A 294 3.43 0.22 12.78
N ALA A 295 3.72 1.49 12.98
CA ALA A 295 5.10 1.93 12.91
C ALA A 295 5.94 0.99 13.79
N ARG A 296 5.49 0.75 15.03
CA ARG A 296 6.24 -0.08 15.97
CA ARG A 296 6.28 -0.07 15.94
C ARG A 296 6.37 -1.51 15.46
N TYR A 297 5.26 -2.04 14.97
CA TYR A 297 5.23 -3.41 14.50
C TYR A 297 6.23 -3.69 13.37
N ILE A 298 6.31 -2.75 12.44
CA ILE A 298 7.11 -2.93 11.23
C ILE A 298 8.58 -3.19 11.57
N VAL A 299 9.07 -2.55 12.61
CA VAL A 299 10.49 -2.71 12.96
C VAL A 299 10.71 -3.68 14.11
N GLU A 300 9.62 -4.11 14.72
CA GLU A 300 9.59 -5.04 15.83
CA GLU A 300 9.74 -5.04 15.81
C GLU A 300 9.46 -6.44 15.28
N ARG A 301 8.78 -6.52 14.14
CA ARG A 301 8.53 -7.77 13.42
C ARG A 301 9.82 -8.32 12.80
#